data_3A4I
#
_entry.id   3A4I
#
_cell.length_a   69.903
_cell.length_b   82.212
_cell.length_c   111.565
_cell.angle_alpha   90.000
_cell.angle_beta   90.000
_cell.angle_gamma   90.000
#
_symmetry.space_group_name_H-M   'P 21 21 21'
#
loop_
_entity.id
_entity.type
_entity.pdbx_description
1 polymer 'GMP synthase [glutamine-hydrolyzing] subunit B'
2 water water
#
_entity_poly.entity_id   1
_entity_poly.type   'polypeptide(L)'
_entity_poly.pdbx_seq_one_letter_code
;MDWGRFVEEKVREIRETVGDSKAIIALSGGVDSSTAAVLAHKAIGDRLHAVFVNTGFLRKGEPEFVVKTFRDEFGMNLHY
VDAQDRFFSALKGVTDPEEKRKIIGRVFIEVFEEVAKKIGAEYLIQGTIAPDWIESQGKIKSHHNVGGLPEKLNLKLIEP
LRDLYKDEVRELAKFLGLPEKIYNRMPFPGPGLAVRVIGEVTPEKIRIVREANAIVEEEVERAGLRPWQAFAVLLGVKTV
GVQGDIRAYKETIAVRIVESIDGMTANAMNVPWEVLQRIAFRITSEIPEVGRVLYDITNKPPATIEFE
;
_entity_poly.pdbx_strand_id   A,B
#
# COMPACT_ATOMS: atom_id res chain seq x y z
N MET A 1 -0.08 38.78 25.39
CA MET A 1 0.25 37.63 26.28
C MET A 1 1.57 37.89 27.01
N ASP A 2 1.69 37.32 28.21
CA ASP A 2 2.87 37.53 29.04
C ASP A 2 3.37 36.21 29.63
N TRP A 3 4.33 35.60 28.96
CA TRP A 3 4.84 34.29 29.40
C TRP A 3 5.70 34.38 30.64
N GLY A 4 6.49 35.44 30.80
CA GLY A 4 7.28 35.61 32.01
C GLY A 4 6.38 35.58 33.24
N ARG A 5 5.29 36.35 33.20
CA ARG A 5 4.32 36.39 34.30
C ARG A 5 3.65 35.04 34.50
N PHE A 6 3.23 34.42 33.40
CA PHE A 6 2.64 33.07 33.45
C PHE A 6 3.54 32.09 34.20
N VAL A 7 4.81 32.05 33.81
CA VAL A 7 5.80 31.14 34.40
C VAL A 7 6.03 31.46 35.88
N GLU A 8 6.25 32.73 36.18
CA GLU A 8 6.48 33.11 37.58
C GLU A 8 5.29 32.66 38.43
N GLU A 9 4.08 32.93 37.96
CA GLU A 9 2.87 32.58 38.70
C GLU A 9 2.69 31.08 38.86
N LYS A 10 2.86 30.35 37.77
CA LYS A 10 2.67 28.90 37.79
C LYS A 10 3.69 28.22 38.66
N VAL A 11 4.93 28.68 38.57
CA VAL A 11 6.01 28.14 39.42
C VAL A 11 5.67 28.32 40.91
N ARG A 12 5.19 29.52 41.25
CA ARG A 12 4.77 29.82 42.63
C ARG A 12 3.64 28.90 43.04
N GLU A 13 2.64 28.73 42.17
CA GLU A 13 1.51 27.84 42.39
C GLU A 13 1.97 26.41 42.65
N ILE A 14 2.88 25.91 41.82
CA ILE A 14 3.40 24.55 42.00
C ILE A 14 4.14 24.43 43.34
N ARG A 15 5.03 25.38 43.61
CA ARG A 15 5.79 25.43 44.87
C ARG A 15 4.85 25.41 46.09
N GLU A 16 3.81 26.23 46.02
CA GLU A 16 2.79 26.32 47.08
C GLU A 16 1.96 25.06 47.24
N THR A 17 1.69 24.36 46.14
CA THR A 17 0.89 23.12 46.22
C THR A 17 1.74 21.95 46.77
N VAL A 18 2.94 21.82 46.21
CA VAL A 18 3.79 20.66 46.52
C VAL A 18 4.50 20.78 47.86
N GLY A 19 4.91 21.99 48.20
CA GLY A 19 5.70 22.24 49.42
C GLY A 19 6.99 21.44 49.37
N ASP A 20 7.25 20.63 50.40
CA ASP A 20 8.51 19.88 50.43
C ASP A 20 8.37 18.43 49.91
N SER A 21 7.21 18.09 49.37
CA SER A 21 6.93 16.75 48.88
C SER A 21 7.58 16.50 47.51
N LYS A 22 7.49 15.27 47.04
CA LYS A 22 7.95 14.93 45.69
C LYS A 22 6.77 14.95 44.75
N ALA A 23 7.05 15.26 43.49
CA ALA A 23 6.05 15.12 42.42
C ALA A 23 6.62 14.23 41.34
N ILE A 24 5.74 13.65 40.54
CA ILE A 24 6.17 12.75 39.50
C ILE A 24 5.47 13.16 38.20
N ILE A 25 6.17 12.98 37.09
CA ILE A 25 5.59 13.21 35.77
C ILE A 25 6.02 12.13 34.78
N ALA A 26 5.09 11.70 33.94
CA ALA A 26 5.45 10.82 32.85
C ALA A 26 5.90 11.66 31.66
N LEU A 27 7.15 11.48 31.23
CA LEU A 27 7.66 12.17 30.05
C LEU A 27 7.47 11.34 28.79
N SER A 28 6.74 11.89 27.83
CA SER A 28 6.55 11.19 26.54
C SER A 28 7.51 11.63 25.44
N GLY A 29 8.18 12.76 25.65
CA GLY A 29 8.90 13.46 24.57
C GLY A 29 8.00 14.49 23.87
N GLY A 30 6.70 14.44 24.15
CA GLY A 30 5.72 15.32 23.51
C GLY A 30 5.81 16.73 24.06
N VAL A 31 5.31 17.70 23.30
CA VAL A 31 5.44 19.08 23.76
C VAL A 31 4.70 19.34 25.10
N ASP A 32 3.52 18.76 25.28
CA ASP A 32 2.71 19.03 26.48
C ASP A 32 3.42 18.55 27.77
N SER A 33 3.78 17.27 27.83
CA SER A 33 4.43 16.78 29.03
C SER A 33 5.81 17.43 29.21
N SER A 34 6.52 17.68 28.11
CA SER A 34 7.86 18.33 28.21
C SER A 34 7.77 19.71 28.87
N THR A 35 6.78 20.50 28.43
CA THR A 35 6.54 21.84 28.96
C THR A 35 6.12 21.82 30.43
N ALA A 36 5.17 20.95 30.77
CA ALA A 36 4.76 20.76 32.15
C ALA A 36 5.95 20.33 33.03
N ALA A 37 6.81 19.44 32.52
CA ALA A 37 7.99 18.99 33.27
C ALA A 37 8.97 20.12 33.56
N VAL A 38 9.28 20.94 32.56
CA VAL A 38 10.20 22.06 32.75
C VAL A 38 9.66 23.05 33.78
N LEU A 39 8.36 23.37 33.72
CA LEU A 39 7.74 24.24 34.73
C LEU A 39 7.86 23.67 36.13
N ALA A 40 7.50 22.40 36.28
CA ALA A 40 7.57 21.76 37.58
C ALA A 40 9.00 21.72 38.11
N HIS A 41 9.96 21.46 37.21
CA HIS A 41 11.38 21.46 37.56
C HIS A 41 11.86 22.83 38.00
N LYS A 42 11.42 23.87 37.31
CA LYS A 42 11.71 25.22 37.74
C LYS A 42 11.18 25.46 39.14
N ALA A 43 10.00 24.90 39.40
CA ALA A 43 9.34 25.03 40.69
C ALA A 43 10.04 24.30 41.83
N ILE A 44 10.30 22.99 41.67
CA ILE A 44 10.70 22.17 42.81
C ILE A 44 12.01 21.40 42.61
N GLY A 45 12.67 21.62 41.48
CA GLY A 45 13.99 21.07 41.21
C GLY A 45 14.02 19.56 41.26
N ASP A 46 15.01 19.01 41.96
CA ASP A 46 15.17 17.58 42.08
C ASP A 46 14.01 16.85 42.76
N ARG A 47 13.08 17.57 43.37
CA ARG A 47 11.93 16.92 43.94
C ARG A 47 10.87 16.54 42.89
N LEU A 48 11.06 17.08 41.69
CA LEU A 48 10.34 16.56 40.52
C LEU A 48 11.04 15.32 39.99
N HIS A 49 10.32 14.18 39.95
CA HIS A 49 10.87 12.95 39.35
C HIS A 49 10.21 12.74 38.00
N ALA A 50 11.02 12.79 36.95
CA ALA A 50 10.48 12.65 35.58
C ALA A 50 10.72 11.23 35.10
N VAL A 51 9.66 10.51 34.77
CA VAL A 51 9.78 9.10 34.34
C VAL A 51 9.62 8.96 32.84
N PHE A 52 10.66 8.46 32.19
CA PHE A 52 10.65 8.23 30.75
C PHE A 52 10.70 6.72 30.50
N VAL A 53 9.62 6.20 29.94
CA VAL A 53 9.50 4.77 29.67
C VAL A 53 9.86 4.44 28.20
N ASN A 54 10.91 3.64 28.02
CA ASN A 54 11.22 3.04 26.70
C ASN A 54 10.33 1.78 26.42
N THR A 55 9.31 2.01 25.59
CA THR A 55 8.31 1.02 25.37
C THR A 55 8.85 -0.02 24.42
N GLY A 56 9.94 0.33 23.72
CA GLY A 56 10.48 -0.48 22.63
C GLY A 56 9.95 -0.05 21.27
N PHE A 57 9.01 0.92 21.28
CA PHE A 57 8.33 1.35 20.03
C PHE A 57 8.65 2.81 19.65
N LEU A 58 9.76 3.33 20.17
CA LEU A 58 10.05 4.73 19.96
C LEU A 58 10.84 4.89 18.67
N ARG A 59 10.97 6.12 18.17
CA ARG A 59 11.73 6.30 16.92
C ARG A 59 13.22 6.20 17.10
N LYS A 60 13.90 5.97 15.97
CA LYS A 60 15.35 5.88 15.96
C LYS A 60 15.92 7.16 16.58
N GLY A 61 16.76 6.98 17.59
CA GLY A 61 17.38 8.15 18.22
C GLY A 61 16.55 8.91 19.26
N GLU A 62 15.26 8.61 19.38
CA GLU A 62 14.42 9.35 20.31
C GLU A 62 14.77 9.15 21.79
N PRO A 63 14.99 7.88 22.22
CA PRO A 63 15.40 7.72 23.64
C PRO A 63 16.67 8.50 24.00
N GLU A 64 17.68 8.44 23.14
CA GLU A 64 18.93 9.19 23.34
C GLU A 64 18.68 10.69 23.44
N PHE A 65 17.82 11.19 22.56
CA PHE A 65 17.49 12.61 22.53
C PHE A 65 16.76 13.06 23.79
N VAL A 66 15.79 12.24 24.25
CA VAL A 66 15.00 12.60 25.44
C VAL A 66 15.92 12.61 26.68
N VAL A 67 16.75 11.59 26.79
CA VAL A 67 17.71 11.55 27.91
C VAL A 67 18.65 12.78 27.88
N LYS A 68 19.28 13.04 26.74
CA LYS A 68 20.19 14.19 26.57
C LYS A 68 19.51 15.50 26.93
N THR A 69 18.28 15.67 26.46
CA THR A 69 17.59 16.93 26.66
C THR A 69 17.22 17.10 28.14
N PHE A 70 16.58 16.10 28.72
CA PHE A 70 16.03 16.26 30.07
C PHE A 70 17.01 15.97 31.20
N ARG A 71 17.82 14.93 31.05
CA ARG A 71 18.82 14.64 32.06
C ARG A 71 20.02 15.61 31.89
N ASP A 72 20.60 15.61 30.70
CA ASP A 72 21.92 16.28 30.50
C ASP A 72 21.84 17.81 30.42
N GLU A 73 20.89 18.32 29.66
CA GLU A 73 20.81 19.77 29.43
C GLU A 73 19.91 20.49 30.43
N PHE A 74 18.78 19.88 30.78
CA PHE A 74 17.92 20.51 31.80
C PHE A 74 18.28 20.16 33.26
N GLY A 75 19.08 19.12 33.46
CA GLY A 75 19.40 18.64 34.79
C GLY A 75 18.26 18.08 35.62
N MET A 76 17.25 17.53 34.95
CA MET A 76 16.11 16.92 35.64
C MET A 76 16.42 15.60 36.30
N ASN A 77 15.61 15.30 37.31
CA ASN A 77 15.74 14.07 38.05
C ASN A 77 15.01 12.98 37.25
N LEU A 78 15.69 12.49 36.22
CA LEU A 78 15.08 11.59 35.24
C LEU A 78 15.25 10.13 35.65
N HIS A 79 14.15 9.38 35.58
CA HIS A 79 14.18 7.93 35.68
C HIS A 79 14.00 7.37 34.27
N TYR A 80 15.09 6.86 33.72
CA TYR A 80 15.02 6.21 32.40
C TYR A 80 14.68 4.75 32.65
N VAL A 81 13.55 4.30 32.10
CA VAL A 81 13.03 2.97 32.40
C VAL A 81 12.98 2.13 31.12
N ASP A 82 13.82 1.10 31.00
CA ASP A 82 13.75 0.22 29.84
C ASP A 82 12.73 -0.93 30.05
N ALA A 83 11.57 -0.78 29.42
CA ALA A 83 10.45 -1.71 29.62
C ALA A 83 10.13 -2.48 28.37
N GLN A 84 11.08 -2.51 27.43
CA GLN A 84 10.84 -3.17 26.12
C GLN A 84 10.35 -4.60 26.20
N ASP A 85 11.01 -5.44 27.00
CA ASP A 85 10.59 -6.86 27.08
C ASP A 85 9.14 -6.96 27.54
N ARG A 86 8.75 -6.10 28.48
CA ARG A 86 7.40 -6.17 29.01
C ARG A 86 6.35 -5.88 27.93
N PHE A 87 6.61 -4.86 27.11
CA PHE A 87 5.65 -4.47 26.06
C PHE A 87 5.61 -5.49 24.92
N PHE A 88 6.79 -5.92 24.45
CA PHE A 88 6.81 -6.88 23.36
C PHE A 88 6.20 -8.19 23.82
N SER A 89 6.59 -8.66 25.02
CA SER A 89 6.06 -9.92 25.52
C SER A 89 4.52 -9.89 25.68
N ALA A 90 4.00 -8.75 26.15
CA ALA A 90 2.55 -8.58 26.35
C ALA A 90 1.75 -8.64 25.06
N LEU A 91 2.41 -8.32 23.95
CA LEU A 91 1.75 -8.20 22.65
C LEU A 91 1.85 -9.47 21.82
N LYS A 92 2.46 -10.52 22.39
CA LYS A 92 2.64 -11.79 21.66
C LYS A 92 1.31 -12.30 21.15
N GLY A 93 1.28 -12.57 19.85
CA GLY A 93 0.10 -13.13 19.19
C GLY A 93 -1.05 -12.21 18.90
N VAL A 94 -0.96 -10.95 19.30
CA VAL A 94 -2.09 -10.03 19.23
C VAL A 94 -2.06 -9.31 17.89
N THR A 95 -3.16 -9.41 17.12
CA THR A 95 -3.18 -8.73 15.82
C THR A 95 -4.23 -7.61 15.76
N ASP A 96 -5.24 -7.68 16.63
CA ASP A 96 -6.30 -6.69 16.58
C ASP A 96 -5.81 -5.33 17.05
N PRO A 97 -5.93 -4.28 16.20
CA PRO A 97 -5.40 -2.95 16.55
C PRO A 97 -5.91 -2.40 17.86
N GLU A 98 -7.22 -2.53 18.13
CA GLU A 98 -7.77 -2.02 19.37
C GLU A 98 -7.16 -2.76 20.58
N GLU A 99 -7.01 -4.08 20.48
CA GLU A 99 -6.41 -4.88 21.56
C GLU A 99 -4.95 -4.50 21.78
N LYS A 100 -4.23 -4.29 20.68
CA LYS A 100 -2.86 -3.83 20.79
C LYS A 100 -2.80 -2.53 21.59
N ARG A 101 -3.64 -1.55 21.25
CA ARG A 101 -3.64 -0.28 21.97
C ARG A 101 -4.01 -0.47 23.45
N LYS A 102 -5.00 -1.33 23.73
CA LYS A 102 -5.46 -1.56 25.09
C LYS A 102 -4.32 -2.16 25.95
N ILE A 103 -3.62 -3.14 25.38
CA ILE A 103 -2.56 -3.84 26.09
C ILE A 103 -1.41 -2.85 26.37
N ILE A 104 -1.06 -2.06 25.36
CA ILE A 104 0.02 -1.09 25.54
C ILE A 104 -0.33 -0.07 26.65
N GLY A 105 -1.57 0.39 26.69
CA GLY A 105 -2.06 1.27 27.75
C GLY A 105 -1.92 0.66 29.15
N ARG A 106 -2.37 -0.59 29.27
CA ARG A 106 -2.30 -1.35 30.52
C ARG A 106 -0.85 -1.50 31.01
N VAL A 107 0.02 -1.94 30.11
CA VAL A 107 1.43 -2.18 30.43
C VAL A 107 2.10 -0.87 30.83
N PHE A 108 1.80 0.22 30.11
CA PHE A 108 2.36 1.49 30.51
C PHE A 108 1.97 1.84 31.96
N ILE A 109 0.70 1.69 32.28
CA ILE A 109 0.22 2.04 33.63
C ILE A 109 0.92 1.17 34.66
N GLU A 110 1.06 -0.13 34.36
CA GLU A 110 1.73 -1.08 35.23
C GLU A 110 3.15 -0.60 35.54
N VAL A 111 3.88 -0.25 34.47
CA VAL A 111 5.27 0.17 34.58
C VAL A 111 5.37 1.46 35.36
N PHE A 112 4.52 2.42 35.02
CA PHE A 112 4.56 3.72 35.67
C PHE A 112 4.20 3.59 37.17
N GLU A 113 3.17 2.79 37.47
CA GLU A 113 2.77 2.54 38.85
C GLU A 113 3.92 1.93 39.66
N GLU A 114 4.59 0.94 39.08
CA GLU A 114 5.68 0.24 39.76
C GLU A 114 6.81 1.23 40.17
N VAL A 115 7.21 2.07 39.22
CA VAL A 115 8.24 3.09 39.47
C VAL A 115 7.72 4.15 40.47
N ALA A 116 6.49 4.65 40.28
CA ALA A 116 5.93 5.65 41.21
C ALA A 116 5.89 5.17 42.64
N LYS A 117 5.60 3.90 42.85
CA LYS A 117 5.50 3.40 44.22
C LYS A 117 6.84 3.49 44.94
N LYS A 118 7.93 3.26 44.22
CA LYS A 118 9.26 3.38 44.82
C LYS A 118 9.63 4.82 45.06
N ILE A 119 9.19 5.70 44.19
CA ILE A 119 9.51 7.13 44.31
C ILE A 119 8.79 7.77 45.51
N GLY A 120 7.55 7.37 45.76
CA GLY A 120 6.82 7.87 46.91
C GLY A 120 6.42 9.33 46.83
N ALA A 121 6.04 9.77 45.64
CA ALA A 121 5.60 11.14 45.44
C ALA A 121 4.20 11.33 45.98
N GLU A 122 3.82 12.59 46.20
CA GLU A 122 2.48 12.90 46.68
C GLU A 122 1.64 13.60 45.63
N TYR A 123 2.29 14.05 44.55
CA TYR A 123 1.66 14.86 43.49
C TYR A 123 1.99 14.28 42.13
N LEU A 124 0.98 14.25 41.26
CA LEU A 124 1.17 13.84 39.87
C LEU A 124 1.08 15.10 39.01
N ILE A 125 2.13 15.40 38.25
CA ILE A 125 2.04 16.47 37.26
C ILE A 125 1.56 15.88 35.93
N GLN A 126 0.55 16.49 35.32
CA GLN A 126 0.18 16.10 33.94
C GLN A 126 0.19 17.32 33.04
N GLY A 127 0.43 17.07 31.76
CA GLY A 127 0.49 18.16 30.77
C GLY A 127 -0.85 18.41 30.06
N THR A 128 -1.97 18.10 30.72
CA THR A 128 -3.31 18.34 30.15
C THR A 128 -3.45 19.82 29.77
N ILE A 129 -4.01 20.05 28.59
CA ILE A 129 -4.20 21.42 28.10
C ILE A 129 -5.69 21.68 27.89
N ALA A 130 -6.00 22.93 27.51
CA ALA A 130 -7.34 23.38 27.23
C ALA A 130 -7.64 23.17 25.74
N PRO A 131 -8.92 22.98 25.40
CA PRO A 131 -10.04 22.95 26.34
C PRO A 131 -10.30 21.53 26.85
N ASN A 154 -3.62 7.82 46.88
CA ASN A 154 -2.59 7.89 45.84
C ASN A 154 -2.04 9.31 45.59
N LEU A 155 -2.21 9.84 44.36
CA LEU A 155 -1.59 11.13 43.97
C LEU A 155 -2.56 12.27 43.71
N LYS A 156 -2.17 13.47 44.16
CA LYS A 156 -2.97 14.66 43.94
C LYS A 156 -2.52 15.27 42.61
N LEU A 157 -3.47 15.67 41.79
CA LEU A 157 -3.12 16.02 40.40
C LEU A 157 -2.80 17.50 40.27
N ILE A 158 -1.73 17.85 39.55
CA ILE A 158 -1.41 19.23 39.23
C ILE A 158 -1.34 19.32 37.70
N GLU A 159 -2.05 20.29 37.13
CA GLU A 159 -2.11 20.43 35.68
C GLU A 159 -1.77 21.87 35.28
N PRO A 160 -0.47 22.19 35.22
CA PRO A 160 -0.09 23.59 35.05
C PRO A 160 -0.44 24.19 33.68
N LEU A 161 -0.78 23.35 32.69
CA LEU A 161 -1.06 23.85 31.35
C LEU A 161 -2.55 23.86 31.04
N ARG A 162 -3.36 23.64 32.07
CA ARG A 162 -4.77 23.36 31.94
C ARG A 162 -5.55 24.49 31.24
N ASP A 163 -5.03 25.71 31.34
CA ASP A 163 -5.72 26.89 30.74
C ASP A 163 -5.22 27.22 29.34
N LEU A 164 -4.14 26.57 28.91
CA LEU A 164 -3.48 26.91 27.64
C LEU A 164 -3.99 26.13 26.47
N TYR A 165 -4.07 26.81 25.33
CA TYR A 165 -4.37 26.12 24.08
C TYR A 165 -3.09 25.60 23.43
N LYS A 166 -3.25 24.67 22.49
CA LYS A 166 -2.10 24.02 21.84
C LYS A 166 -1.05 24.99 21.28
N ASP A 167 -1.50 26.02 20.57
CA ASP A 167 -0.54 26.98 20.00
C ASP A 167 0.18 27.74 21.12
N GLU A 168 -0.53 28.02 22.21
CA GLU A 168 0.09 28.70 23.35
C GLU A 168 1.14 27.82 24.00
N VAL A 169 0.85 26.54 24.17
CA VAL A 169 1.82 25.62 24.78
C VAL A 169 3.13 25.63 23.99
N ARG A 170 3.04 25.65 22.65
CA ARG A 170 4.25 25.71 21.82
C ARG A 170 5.07 26.97 22.06
N GLU A 171 4.39 28.11 22.19
CA GLU A 171 5.04 29.38 22.50
C GLU A 171 5.80 29.27 23.82
N LEU A 172 5.10 28.73 24.82
CA LEU A 172 5.64 28.60 26.16
C LEU A 172 6.86 27.68 26.15
N ALA A 173 6.76 26.56 25.43
CA ALA A 173 7.87 25.60 25.34
C ALA A 173 9.12 26.30 24.80
N LYS A 174 8.93 27.12 23.77
CA LYS A 174 10.03 27.87 23.19
C LYS A 174 10.65 28.84 24.22
N PHE A 175 9.79 29.57 24.91
CA PHE A 175 10.20 30.50 25.97
C PHE A 175 10.99 29.81 27.11
N LEU A 176 10.59 28.59 27.47
CA LEU A 176 11.28 27.80 28.49
C LEU A 176 12.59 27.18 28.02
N GLY A 177 12.91 27.33 26.73
CA GLY A 177 14.21 26.91 26.20
C GLY A 177 14.21 25.47 25.72
N LEU A 178 13.00 24.89 25.56
CA LEU A 178 12.91 23.55 24.96
C LEU A 178 13.36 23.58 23.50
N PRO A 179 14.00 22.50 23.03
CA PRO A 179 14.50 22.51 21.66
C PRO A 179 13.40 22.55 20.62
N GLU A 180 13.69 23.14 19.47
CA GLU A 180 12.74 23.16 18.36
C GLU A 180 12.27 21.76 17.97
N LYS A 181 13.16 20.79 18.09
CA LYS A 181 12.79 19.38 17.79
C LYS A 181 11.61 18.88 18.64
N ILE A 182 11.41 19.48 19.82
CA ILE A 182 10.23 19.20 20.64
C ILE A 182 9.07 20.14 20.38
N TYR A 183 9.28 21.46 20.50
CA TYR A 183 8.12 22.35 20.41
C TYR A 183 7.47 22.42 19.01
N ASN A 184 8.24 22.05 17.99
CA ASN A 184 7.72 21.93 16.62
C ASN A 184 7.59 20.49 16.13
N ARG A 185 7.58 19.52 17.05
CA ARG A 185 7.61 18.10 16.64
C ARG A 185 6.28 17.68 16.01
N MET A 186 6.36 16.74 15.08
CA MET A 186 5.15 16.11 14.58
C MET A 186 4.63 15.21 15.68
N PRO A 187 3.29 15.14 15.85
CA PRO A 187 2.79 14.31 16.92
C PRO A 187 3.09 12.84 16.66
N PHE A 188 3.27 12.07 17.74
CA PHE A 188 3.66 10.66 17.62
C PHE A 188 2.83 9.90 18.63
N PRO A 189 2.17 8.80 18.22
CA PRO A 189 1.24 8.09 19.10
C PRO A 189 1.89 7.55 20.39
N GLY A 190 1.12 7.49 21.47
CA GLY A 190 1.58 6.81 22.69
C GLY A 190 2.10 5.39 22.45
N PRO A 191 1.32 4.54 21.71
CA PRO A 191 1.82 3.18 21.34
C PRO A 191 2.93 3.20 20.30
N GLY A 192 3.23 4.37 19.77
CA GLY A 192 4.44 4.53 18.94
C GLY A 192 4.41 3.60 17.73
N LEU A 193 5.58 3.03 17.40
CA LEU A 193 5.69 2.18 16.19
C LEU A 193 4.84 0.90 16.19
N ALA A 194 4.27 0.53 17.36
CA ALA A 194 3.47 -0.68 17.44
C ALA A 194 2.22 -0.57 16.57
N VAL A 195 1.69 0.65 16.43
CA VAL A 195 0.52 0.86 15.57
C VAL A 195 0.94 1.09 14.12
N ARG A 196 2.25 1.04 13.89
CA ARG A 196 2.78 1.21 12.52
C ARG A 196 3.27 -0.12 11.94
N VAL A 197 2.87 -1.22 12.60
CA VAL A 197 3.12 -2.56 12.13
C VAL A 197 1.76 -3.25 12.05
N ILE A 198 1.36 -3.66 10.84
CA ILE A 198 0.05 -4.30 10.70
C ILE A 198 0.19 -5.69 11.30
N GLY A 199 -0.68 -5.99 12.26
CA GLY A 199 -0.70 -7.33 12.86
C GLY A 199 0.27 -7.48 14.03
N GLU A 200 0.80 -8.67 14.21
CA GLU A 200 1.56 -9.00 15.43
C GLU A 200 2.85 -8.18 15.51
N VAL A 201 3.07 -7.53 16.65
CA VAL A 201 4.24 -6.70 16.83
C VAL A 201 5.40 -7.61 17.27
N THR A 202 6.47 -7.63 16.48
CA THR A 202 7.67 -8.41 16.81
C THR A 202 8.88 -7.48 16.71
N PRO A 203 9.97 -7.82 17.41
CA PRO A 203 11.20 -7.03 17.35
C PRO A 203 11.67 -6.76 15.92
N GLU A 204 11.66 -7.78 15.06
CA GLU A 204 12.11 -7.61 13.68
C GLU A 204 11.22 -6.64 12.89
N LYS A 205 9.91 -6.76 13.04
CA LYS A 205 8.99 -5.86 12.34
C LYS A 205 9.20 -4.43 12.81
N ILE A 206 9.37 -4.26 14.13
CA ILE A 206 9.67 -2.92 14.71
C ILE A 206 11.00 -2.37 14.21
N ARG A 207 12.02 -3.21 14.15
CA ARG A 207 13.33 -2.78 13.61
C ARG A 207 13.19 -2.25 12.17
N ILE A 208 12.47 -3.01 11.33
CA ILE A 208 12.27 -2.66 9.91
C ILE A 208 11.51 -1.35 9.83
N VAL A 209 10.37 -1.27 10.50
CA VAL A 209 9.58 -0.02 10.40
C VAL A 209 10.31 1.18 11.03
N ARG A 210 11.13 0.93 12.06
CA ARG A 210 11.91 2.03 12.67
C ARG A 210 12.87 2.65 11.64
N GLU A 211 13.58 1.81 10.91
CA GLU A 211 14.51 2.31 9.88
C GLU A 211 13.76 3.01 8.76
N ALA A 212 12.60 2.47 8.38
CA ALA A 212 11.79 3.05 7.28
C ALA A 212 11.28 4.40 7.72
N ASN A 213 10.81 4.47 8.97
CA ASN A 213 10.33 5.73 9.51
C ASN A 213 11.40 6.81 9.48
N ALA A 214 12.62 6.44 9.90
CA ALA A 214 13.76 7.37 9.90
C ALA A 214 14.01 7.93 8.50
N ILE A 215 14.01 7.05 7.50
CA ILE A 215 14.19 7.45 6.10
C ILE A 215 13.11 8.47 5.69
N VAL A 216 11.86 8.16 6.00
CA VAL A 216 10.76 9.06 5.65
C VAL A 216 10.97 10.44 6.31
N GLU A 217 11.19 10.48 7.62
CA GLU A 217 11.43 11.76 8.29
C GLU A 217 12.65 12.50 7.74
N GLU A 218 13.73 11.77 7.49
CA GLU A 218 14.94 12.35 6.90
C GLU A 218 14.74 13.02 5.53
N GLU A 219 14.00 12.36 4.64
CA GLU A 219 13.71 12.89 3.31
C GLU A 219 12.76 14.10 3.37
N VAL A 220 11.77 14.04 4.25
CA VAL A 220 10.90 15.20 4.45
C VAL A 220 11.73 16.41 4.90
N GLU A 221 12.61 16.20 5.88
CA GLU A 221 13.53 17.27 6.38
C GLU A 221 14.45 17.77 5.25
N ARG A 222 15.00 16.85 4.48
CA ARG A 222 15.98 17.17 3.46
C ARG A 222 15.36 18.12 2.44
N ALA A 223 14.08 17.90 2.15
CA ALA A 223 13.39 18.69 1.13
C ALA A 223 12.71 19.94 1.68
N GLY A 224 12.86 20.16 2.98
CA GLY A 224 12.33 21.35 3.65
C GLY A 224 10.81 21.32 3.70
N LEU A 225 10.23 20.12 3.70
CA LEU A 225 8.77 19.98 3.79
C LEU A 225 8.34 20.04 5.25
N ARG A 226 7.15 20.55 5.49
CA ARG A 226 6.68 20.66 6.87
C ARG A 226 5.28 20.07 6.99
N PRO A 227 5.18 18.74 6.83
CA PRO A 227 3.86 18.12 6.96
C PRO A 227 3.43 18.06 8.41
N TRP A 228 2.16 17.78 8.62
CA TRP A 228 1.60 17.56 9.93
C TRP A 228 2.17 16.24 10.52
N GLN A 229 2.14 15.18 9.72
CA GLN A 229 2.74 13.89 10.07
C GLN A 229 3.39 13.24 8.83
N ALA A 230 4.45 12.48 9.07
CA ALA A 230 5.20 11.80 7.99
C ALA A 230 5.80 10.55 8.61
N PHE A 231 5.40 9.38 8.13
CA PHE A 231 5.83 8.15 8.74
C PHE A 231 5.74 6.97 7.80
N ALA A 232 6.19 5.81 8.29
CA ALA A 232 6.17 4.56 7.51
C ALA A 232 5.36 3.53 8.29
N VAL A 233 4.69 2.64 7.55
CA VAL A 233 3.93 1.52 8.12
C VAL A 233 4.33 0.21 7.43
N LEU A 234 4.60 -0.82 8.23
CA LEU A 234 4.92 -2.14 7.70
C LEU A 234 3.60 -2.86 7.46
N LEU A 235 3.28 -3.13 6.18
CA LEU A 235 1.96 -3.67 5.85
C LEU A 235 1.74 -5.15 6.10
N GLY A 236 2.79 -5.95 6.08
CA GLY A 236 2.67 -7.42 6.20
C GLY A 236 2.38 -8.11 4.87
N VAL A 237 2.46 -7.38 3.77
CA VAL A 237 2.19 -7.90 2.44
C VAL A 237 3.53 -8.30 1.86
N LYS A 238 3.66 -9.56 1.41
CA LYS A 238 4.95 -9.98 0.87
C LYS A 238 4.99 -9.85 -0.63
N THR A 239 6.20 -9.57 -1.15
CA THR A 239 6.46 -9.41 -2.57
C THR A 239 7.73 -10.19 -2.92
N VAL A 240 7.89 -10.60 -4.18
CA VAL A 240 9.09 -11.42 -4.50
C VAL A 240 10.20 -10.49 -4.99
N GLY A 241 11.27 -10.39 -4.19
CA GLY A 241 12.42 -9.58 -4.59
C GLY A 241 13.62 -10.48 -4.84
N VAL A 242 14.78 -9.87 -5.07
CA VAL A 242 16.03 -10.62 -5.20
C VAL A 242 16.93 -10.21 -4.03
N GLN A 243 17.62 -11.18 -3.46
CA GLN A 243 18.61 -10.90 -2.46
C GLN A 243 19.86 -11.65 -2.88
N GLY A 244 20.82 -10.92 -3.45
CA GLY A 244 22.04 -11.54 -4.00
C GLY A 244 21.67 -12.39 -5.20
N ASP A 245 21.86 -13.70 -5.09
CA ASP A 245 21.67 -14.59 -6.24
C ASP A 245 20.35 -15.37 -6.22
N ILE A 246 19.49 -15.09 -5.25
CA ILE A 246 18.26 -15.88 -5.08
C ILE A 246 17.04 -14.96 -4.97
N ARG A 247 15.89 -15.47 -5.38
CA ARG A 247 14.62 -14.78 -5.09
C ARG A 247 14.32 -14.90 -3.60
N ALA A 248 13.67 -13.87 -3.04
CA ALA A 248 13.31 -13.91 -1.64
C ALA A 248 12.05 -13.10 -1.46
N TYR A 249 11.15 -13.61 -0.63
CA TYR A 249 10.00 -12.83 -0.15
C TYR A 249 10.47 -11.62 0.70
N LYS A 250 9.95 -10.44 0.36
CA LYS A 250 10.33 -9.20 1.02
C LYS A 250 9.04 -8.49 1.45
N GLU A 251 9.19 -7.51 2.33
CA GLU A 251 8.04 -6.83 2.92
C GLU A 251 7.59 -5.64 2.08
N THR A 252 6.45 -5.06 2.47
CA THR A 252 5.90 -3.86 1.82
C THR A 252 5.72 -2.75 2.84
N ILE A 253 6.25 -1.56 2.52
CA ILE A 253 6.10 -0.39 3.39
C ILE A 253 5.09 0.54 2.77
N ALA A 254 4.18 1.10 3.57
CA ALA A 254 3.39 2.26 3.14
C ALA A 254 3.99 3.51 3.77
N VAL A 255 4.11 4.54 2.94
CA VAL A 255 4.58 5.86 3.36
C VAL A 255 3.34 6.73 3.54
N ARG A 256 3.23 7.35 4.72
CA ARG A 256 2.05 8.19 5.04
C ARG A 256 2.54 9.60 5.37
N ILE A 257 2.19 10.56 4.51
CA ILE A 257 2.57 11.95 4.71
C ILE A 257 1.35 12.82 4.48
N VAL A 258 0.98 13.59 5.52
CA VAL A 258 -0.24 14.37 5.45
C VAL A 258 -0.03 15.82 5.84
N GLU A 259 -0.80 16.71 5.22
CA GLU A 259 -0.85 18.10 5.68
C GLU A 259 -2.15 18.33 6.42
N SER A 260 -2.08 19.16 7.46
CA SER A 260 -3.24 19.35 8.34
C SER A 260 -3.04 20.62 9.17
N ILE A 261 -4.13 21.31 9.46
CA ILE A 261 -4.10 22.39 10.45
C ILE A 261 -3.85 21.87 11.86
N ASP A 262 -4.71 20.95 12.32
CA ASP A 262 -4.70 20.45 13.70
C ASP A 262 -5.22 19.00 13.79
N GLY A 263 -5.22 18.30 12.65
CA GLY A 263 -5.64 16.88 12.62
C GLY A 263 -7.13 16.66 12.36
N MET A 264 -7.92 17.73 12.40
CA MET A 264 -9.36 17.60 12.29
C MET A 264 -9.74 16.95 10.95
N THR A 265 -9.09 17.40 9.89
CA THR A 265 -9.10 16.75 8.57
C THR A 265 -7.63 16.79 8.16
N ALA A 266 -7.31 16.05 7.11
CA ALA A 266 -5.92 16.02 6.60
C ALA A 266 -5.93 15.61 5.15
N ASN A 267 -4.99 16.16 4.36
CA ASN A 267 -4.88 15.72 2.96
C ASN A 267 -3.59 14.93 2.81
N ALA A 268 -3.66 13.85 2.05
CA ALA A 268 -2.42 13.22 1.56
C ALA A 268 -1.62 14.35 0.87
N MET A 269 -0.33 14.46 1.24
CA MET A 269 0.51 15.53 0.71
C MET A 269 0.93 15.27 -0.73
N ASN A 270 0.88 16.32 -1.54
CA ASN A 270 1.48 16.29 -2.86
C ASN A 270 2.99 16.44 -2.71
N VAL A 271 3.66 15.32 -2.48
CA VAL A 271 5.08 15.31 -2.23
C VAL A 271 5.80 15.32 -3.59
N PRO A 272 6.85 16.15 -3.75
CA PRO A 272 7.57 16.15 -5.02
C PRO A 272 8.04 14.76 -5.35
N TRP A 273 7.92 14.42 -6.64
CA TRP A 273 8.25 13.05 -7.10
C TRP A 273 9.67 12.65 -6.71
N GLU A 274 10.62 13.61 -6.81
CA GLU A 274 12.02 13.32 -6.45
C GLU A 274 12.15 12.86 -4.98
N VAL A 275 11.32 13.42 -4.10
CA VAL A 275 11.36 13.06 -2.67
C VAL A 275 10.77 11.65 -2.49
N LEU A 276 9.66 11.39 -3.17
CA LEU A 276 9.10 10.02 -3.14
C LEU A 276 10.09 8.99 -3.67
N GLN A 277 10.76 9.33 -4.78
CA GLN A 277 11.77 8.43 -5.31
C GLN A 277 12.95 8.18 -4.36
N ARG A 278 13.43 9.22 -3.68
CA ARG A 278 14.49 9.06 -2.66
C ARG A 278 14.05 8.11 -1.56
N ILE A 279 12.83 8.34 -1.08
CA ILE A 279 12.25 7.46 -0.05
C ILE A 279 12.18 6.00 -0.53
N ALA A 280 11.64 5.77 -1.74
CA ALA A 280 11.50 4.41 -2.25
C ALA A 280 12.88 3.76 -2.45
N PHE A 281 13.78 4.53 -3.03
CA PHE A 281 15.14 4.05 -3.28
C PHE A 281 15.85 3.67 -2.00
N ARG A 282 15.85 4.59 -1.04
CA ARG A 282 16.57 4.35 0.20
C ARG A 282 15.97 3.19 0.99
N ILE A 283 14.65 3.14 1.10
CA ILE A 283 14.07 2.03 1.85
C ILE A 283 14.48 0.67 1.27
N THR A 284 14.38 0.52 -0.06
CA THR A 284 14.62 -0.79 -0.67
C THR A 284 16.12 -1.12 -0.78
N SER A 285 16.96 -0.08 -0.80
CA SER A 285 18.40 -0.29 -0.85
C SER A 285 19.02 -0.46 0.55
N GLU A 286 18.59 0.37 1.50
CA GLU A 286 19.18 0.36 2.84
C GLU A 286 18.53 -0.65 3.79
N ILE A 287 17.32 -1.06 3.46
CA ILE A 287 16.59 -2.06 4.23
C ILE A 287 16.19 -3.21 3.29
N PRO A 288 17.12 -4.16 3.04
CA PRO A 288 16.87 -5.18 2.00
C PRO A 288 15.72 -6.15 2.31
N GLU A 289 15.24 -6.14 3.54
CA GLU A 289 14.03 -6.86 3.92
C GLU A 289 12.77 -6.28 3.30
N VAL A 290 12.84 -5.05 2.82
CA VAL A 290 11.70 -4.40 2.15
C VAL A 290 11.86 -4.37 0.62
N GLY A 291 10.84 -4.85 -0.08
CA GLY A 291 10.89 -5.01 -1.55
C GLY A 291 9.95 -4.07 -2.31
N ARG A 292 9.00 -3.45 -1.60
CA ARG A 292 8.06 -2.54 -2.29
C ARG A 292 7.66 -1.39 -1.35
N VAL A 293 7.54 -0.21 -1.93
CA VAL A 293 7.12 0.97 -1.18
C VAL A 293 5.89 1.58 -1.87
N LEU A 294 4.86 1.84 -1.07
CA LEU A 294 3.58 2.44 -1.53
C LEU A 294 3.36 3.75 -0.83
N TYR A 295 2.78 4.72 -1.54
CA TYR A 295 2.50 6.01 -0.95
C TYR A 295 0.98 6.19 -0.77
N ASP A 296 0.56 6.51 0.45
CA ASP A 296 -0.88 6.67 0.75
C ASP A 296 -1.37 7.94 0.07
N ILE A 297 -2.41 7.81 -0.75
CA ILE A 297 -3.00 8.98 -1.42
C ILE A 297 -4.41 9.30 -0.92
N THR A 298 -4.73 8.79 0.26
CA THR A 298 -6.09 8.92 0.78
C THR A 298 -6.19 10.05 1.78
N ASN A 299 -7.15 10.94 1.61
CA ASN A 299 -7.37 12.01 2.59
C ASN A 299 -8.13 11.53 3.84
N LYS A 300 -8.18 12.40 4.86
CA LYS A 300 -9.00 12.24 6.06
C LYS A 300 -10.03 13.39 6.10
N PRO A 301 -11.34 13.09 5.94
CA PRO A 301 -11.98 11.83 5.56
C PRO A 301 -11.62 11.46 4.10
N PRO A 302 -11.88 10.20 3.71
CA PRO A 302 -12.58 9.13 4.43
C PRO A 302 -11.71 8.30 5.40
N ALA A 303 -10.38 8.43 5.28
CA ALA A 303 -9.47 7.56 6.03
C ALA A 303 -9.00 8.17 7.35
N THR A 304 -8.46 7.33 8.24
CA THR A 304 -7.71 7.82 9.38
C THR A 304 -6.30 8.15 8.85
N ILE A 305 -5.54 8.84 9.68
CA ILE A 305 -4.14 9.14 9.33
C ILE A 305 -3.31 7.87 9.55
N GLU A 306 -3.35 7.30 10.77
CA GLU A 306 -2.69 6.01 11.05
C GLU A 306 -3.40 4.87 10.34
N PHE A 307 -2.78 3.70 10.35
CA PHE A 307 -3.34 2.51 9.74
C PHE A 307 -3.90 1.61 10.85
N GLU A 308 -3.54 1.90 12.11
CA GLU A 308 -4.00 1.15 13.29
C GLU A 308 -4.11 2.02 14.55
N MET B 1 5.92 -2.36 -43.74
CA MET B 1 6.15 -3.66 -44.44
C MET B 1 5.07 -3.87 -45.50
N ASP B 2 5.31 -4.80 -46.41
CA ASP B 2 4.30 -5.19 -47.39
C ASP B 2 3.30 -6.15 -46.71
N TRP B 3 2.43 -5.59 -45.87
CA TRP B 3 1.45 -6.39 -45.09
C TRP B 3 0.44 -7.13 -45.96
N GLY B 4 0.04 -6.54 -47.08
CA GLY B 4 -0.91 -7.15 -47.99
C GLY B 4 -0.35 -8.46 -48.51
N ARG B 5 0.92 -8.42 -48.89
CA ARG B 5 1.61 -9.62 -49.38
C ARG B 5 1.87 -10.59 -48.24
N PHE B 6 2.17 -10.06 -47.05
CA PHE B 6 2.38 -10.89 -45.85
C PHE B 6 1.10 -11.67 -45.51
N VAL B 7 -0.02 -10.95 -45.46
CA VAL B 7 -1.33 -11.56 -45.21
C VAL B 7 -1.64 -12.61 -46.27
N GLU B 8 -1.54 -12.24 -47.54
CA GLU B 8 -1.79 -13.15 -48.66
C GLU B 8 -1.07 -14.48 -48.49
N GLU B 9 0.23 -14.42 -48.26
CA GLU B 9 1.07 -15.60 -48.14
C GLU B 9 0.69 -16.42 -46.92
N LYS B 10 0.40 -15.72 -45.83
CA LYS B 10 0.12 -16.39 -44.56
C LYS B 10 -1.22 -17.10 -44.62
N VAL B 11 -2.22 -16.39 -45.15
CA VAL B 11 -3.55 -16.98 -45.35
C VAL B 11 -3.42 -18.21 -46.23
N ARG B 12 -2.62 -18.09 -47.30
CA ARG B 12 -2.34 -19.22 -48.22
C ARG B 12 -1.71 -20.39 -47.48
N GLU B 13 -0.71 -20.09 -46.67
CA GLU B 13 0.00 -21.09 -45.88
C GLU B 13 -0.96 -21.87 -44.97
N ILE B 14 -1.78 -21.12 -44.22
CA ILE B 14 -2.78 -21.72 -43.33
C ILE B 14 -3.77 -22.59 -44.13
N ARG B 15 -4.32 -22.05 -45.22
CA ARG B 15 -5.24 -22.82 -46.06
C ARG B 15 -4.66 -24.16 -46.48
N GLU B 16 -3.39 -24.14 -46.88
CA GLU B 16 -2.71 -25.35 -47.38
C GLU B 16 -2.41 -26.35 -46.26
N THR B 17 -2.14 -25.84 -45.07
CA THR B 17 -1.90 -26.72 -43.94
C THR B 17 -3.19 -27.37 -43.45
N VAL B 18 -4.24 -26.56 -43.31
CA VAL B 18 -5.49 -27.03 -42.74
C VAL B 18 -6.33 -27.84 -43.72
N GLY B 19 -6.32 -27.45 -45.00
CA GLY B 19 -7.21 -28.09 -45.97
C GLY B 19 -8.65 -27.98 -45.54
N ASP B 20 -9.36 -29.11 -45.49
CA ASP B 20 -10.79 -29.08 -45.13
C ASP B 20 -11.09 -29.45 -43.67
N SER B 21 -10.05 -29.48 -42.82
CA SER B 21 -10.21 -29.77 -41.40
C SER B 21 -10.69 -28.55 -40.63
N LYS B 22 -11.08 -28.77 -39.38
CA LYS B 22 -11.38 -27.70 -38.43
C LYS B 22 -10.13 -27.31 -37.66
N ALA B 23 -9.99 -26.03 -37.36
CA ALA B 23 -8.97 -25.57 -36.44
C ALA B 23 -9.64 -24.86 -35.27
N ILE B 24 -8.90 -24.81 -34.17
CA ILE B 24 -9.38 -24.15 -32.95
C ILE B 24 -8.36 -23.11 -32.46
N ILE B 25 -8.86 -22.03 -31.86
CA ILE B 25 -7.98 -21.00 -31.30
C ILE B 25 -8.57 -20.50 -29.98
N ALA B 26 -7.71 -20.26 -29.00
CA ALA B 26 -8.19 -19.67 -27.74
C ALA B 26 -8.10 -18.16 -27.83
N LEU B 27 -9.21 -17.48 -27.60
CA LEU B 27 -9.23 -16.02 -27.58
C LEU B 27 -9.21 -15.47 -26.16
N SER B 28 -8.24 -14.60 -25.87
CA SER B 28 -8.10 -13.94 -24.57
C SER B 28 -8.55 -12.47 -24.67
N GLY B 29 -8.60 -11.95 -25.88
CA GLY B 29 -8.76 -10.53 -26.10
C GLY B 29 -7.41 -9.84 -26.33
N GLY B 30 -6.33 -10.59 -26.09
CA GLY B 30 -4.97 -10.09 -26.31
C GLY B 30 -4.67 -9.81 -27.78
N VAL B 31 -3.74 -8.91 -28.06
CA VAL B 31 -3.40 -8.59 -29.47
C VAL B 31 -2.89 -9.80 -30.28
N ASP B 32 -2.07 -10.65 -29.66
CA ASP B 32 -1.49 -11.81 -30.33
C ASP B 32 -2.52 -12.84 -30.78
N SER B 33 -3.33 -13.31 -29.84
CA SER B 33 -4.38 -14.29 -30.15
C SER B 33 -5.38 -13.69 -31.14
N SER B 34 -5.69 -12.41 -30.97
CA SER B 34 -6.66 -11.70 -31.85
C SER B 34 -6.16 -11.64 -33.31
N THR B 35 -4.89 -11.29 -33.46
CA THR B 35 -4.31 -11.16 -34.80
C THR B 35 -4.23 -12.50 -35.48
N ALA B 36 -3.77 -13.52 -34.75
CA ALA B 36 -3.71 -14.88 -35.27
C ALA B 36 -5.10 -15.39 -35.69
N ALA B 37 -6.12 -15.03 -34.90
CA ALA B 37 -7.50 -15.48 -35.16
C ALA B 37 -8.02 -14.89 -36.45
N VAL B 38 -7.77 -13.61 -36.67
CA VAL B 38 -8.21 -12.96 -37.93
C VAL B 38 -7.52 -13.60 -39.14
N LEU B 39 -6.21 -13.83 -39.05
CA LEU B 39 -5.50 -14.53 -40.16
C LEU B 39 -6.08 -15.91 -40.47
N ALA B 40 -6.26 -16.73 -39.43
CA ALA B 40 -6.82 -18.07 -39.59
C ALA B 40 -8.23 -18.00 -40.14
N HIS B 41 -9.00 -17.01 -39.67
CA HIS B 41 -10.37 -16.84 -40.15
C HIS B 41 -10.39 -16.48 -41.62
N LYS B 42 -9.49 -15.60 -42.04
CA LYS B 42 -9.42 -15.23 -43.46
C LYS B 42 -9.07 -16.46 -44.29
N ALA B 43 -8.25 -17.33 -43.71
CA ALA B 43 -7.90 -18.61 -44.33
C ALA B 43 -9.04 -19.62 -44.41
N ILE B 44 -9.74 -19.87 -43.32
CA ILE B 44 -10.62 -21.03 -43.31
C ILE B 44 -12.06 -20.76 -42.91
N GLY B 45 -12.39 -19.50 -42.66
CA GLY B 45 -13.76 -19.08 -42.39
C GLY B 45 -14.43 -19.92 -41.33
N ASP B 46 -15.54 -20.55 -41.69
CA ASP B 46 -16.40 -21.28 -40.74
C ASP B 46 -15.78 -22.54 -40.16
N ARG B 47 -14.61 -22.95 -40.67
CA ARG B 47 -13.96 -24.10 -40.10
C ARG B 47 -13.03 -23.74 -38.94
N LEU B 48 -12.92 -22.44 -38.70
CA LEU B 48 -12.21 -21.94 -37.52
C LEU B 48 -13.21 -21.81 -36.39
N HIS B 49 -12.85 -22.41 -35.25
CA HIS B 49 -13.66 -22.33 -34.04
C HIS B 49 -12.86 -21.54 -33.01
N ALA B 50 -13.33 -20.33 -32.71
CA ALA B 50 -12.69 -19.51 -31.68
C ALA B 50 -13.33 -19.84 -30.35
N VAL B 51 -12.53 -19.98 -29.30
CA VAL B 51 -13.04 -20.33 -27.98
C VAL B 51 -12.64 -19.22 -27.01
N PHE B 52 -13.64 -18.68 -26.31
CA PHE B 52 -13.40 -17.66 -25.30
C PHE B 52 -13.85 -18.18 -23.95
N VAL B 53 -12.90 -18.36 -23.04
CA VAL B 53 -13.18 -18.89 -21.71
C VAL B 53 -13.28 -17.74 -20.70
N ASN B 54 -14.49 -17.53 -20.21
CA ASN B 54 -14.70 -16.60 -19.11
C ASN B 54 -14.28 -17.29 -17.81
N THR B 55 -13.08 -16.94 -17.34
CA THR B 55 -12.51 -17.48 -16.12
C THR B 55 -13.18 -16.91 -14.87
N GLY B 56 -13.93 -15.79 -15.03
CA GLY B 56 -14.39 -15.01 -13.90
C GLY B 56 -13.41 -13.95 -13.41
N PHE B 57 -12.21 -13.93 -13.98
CA PHE B 57 -11.15 -13.04 -13.51
C PHE B 57 -10.79 -11.95 -14.56
N LEU B 58 -11.70 -11.71 -15.50
CA LEU B 58 -11.39 -10.82 -16.62
C LEU B 58 -11.75 -9.38 -16.26
N ARG B 59 -11.26 -8.43 -17.06
CA ARG B 59 -11.53 -7.01 -16.80
C ARG B 59 -12.99 -6.73 -17.07
N LYS B 60 -13.51 -5.70 -16.40
CA LYS B 60 -14.86 -5.22 -16.62
C LYS B 60 -15.10 -5.00 -18.13
N GLY B 61 -16.21 -5.53 -18.63
CA GLY B 61 -16.59 -5.39 -20.02
C GLY B 61 -15.89 -6.26 -21.04
N GLU B 62 -14.80 -6.93 -20.65
CA GLU B 62 -14.01 -7.75 -21.59
C GLU B 62 -14.82 -8.87 -22.28
N PRO B 63 -15.61 -9.67 -21.53
CA PRO B 63 -16.36 -10.73 -22.21
C PRO B 63 -17.30 -10.19 -23.30
N GLU B 64 -18.07 -9.16 -22.96
CA GLU B 64 -18.94 -8.50 -23.95
C GLU B 64 -18.17 -8.00 -25.17
N PHE B 65 -17.02 -7.38 -24.93
CA PHE B 65 -16.24 -6.77 -26.00
C PHE B 65 -15.67 -7.86 -26.91
N VAL B 66 -15.17 -8.94 -26.31
CA VAL B 66 -14.59 -10.00 -27.12
C VAL B 66 -15.66 -10.62 -28.01
N VAL B 67 -16.84 -10.89 -27.44
CA VAL B 67 -17.96 -11.45 -28.21
C VAL B 67 -18.40 -10.52 -29.35
N LYS B 68 -18.60 -9.24 -29.02
CA LYS B 68 -19.02 -8.23 -29.99
C LYS B 68 -18.02 -8.16 -31.15
N THR B 69 -16.74 -8.18 -30.82
CA THR B 69 -15.69 -8.04 -31.81
C THR B 69 -15.62 -9.29 -32.68
N PHE B 70 -15.49 -10.45 -32.07
CA PHE B 70 -15.17 -11.64 -32.87
C PHE B 70 -16.35 -12.34 -33.50
N ARG B 71 -17.44 -12.42 -32.74
CA ARG B 71 -18.67 -13.01 -33.25
C ARG B 71 -19.43 -12.03 -34.15
N ASP B 72 -19.69 -10.83 -33.62
CA ASP B 72 -20.59 -9.89 -34.29
C ASP B 72 -19.91 -9.14 -35.43
N GLU B 73 -18.75 -8.56 -35.17
CA GLU B 73 -18.08 -7.75 -36.18
C GLU B 73 -17.30 -8.58 -37.20
N PHE B 74 -16.50 -9.55 -36.72
CA PHE B 74 -15.70 -10.39 -37.63
C PHE B 74 -16.43 -11.63 -38.14
N GLY B 75 -17.57 -11.94 -37.55
CA GLY B 75 -18.40 -13.10 -37.98
C GLY B 75 -17.78 -14.49 -37.77
N MET B 76 -17.00 -14.65 -36.70
CA MET B 76 -16.37 -15.94 -36.40
C MET B 76 -17.31 -16.86 -35.63
N ASN B 77 -17.14 -18.17 -35.77
CA ASN B 77 -17.68 -19.16 -34.83
C ASN B 77 -17.03 -18.96 -33.46
N LEU B 78 -17.80 -18.49 -32.50
CA LEU B 78 -17.26 -18.19 -31.19
C LEU B 78 -17.96 -19.01 -30.13
N HIS B 79 -17.21 -19.93 -29.53
CA HIS B 79 -17.71 -20.73 -28.43
C HIS B 79 -17.41 -20.00 -27.14
N TYR B 80 -18.46 -19.44 -26.54
CA TYR B 80 -18.35 -18.75 -25.26
C TYR B 80 -18.53 -19.78 -24.16
N VAL B 81 -17.53 -19.89 -23.29
CA VAL B 81 -17.53 -20.89 -22.23
C VAL B 81 -17.54 -20.14 -20.90
N ASP B 82 -18.67 -20.19 -20.20
CA ASP B 82 -18.76 -19.59 -18.87
C ASP B 82 -18.21 -20.60 -17.84
N ALA B 83 -16.95 -20.42 -17.47
CA ALA B 83 -16.29 -21.31 -16.53
C ALA B 83 -16.06 -20.68 -15.16
N GLN B 84 -16.72 -19.55 -14.88
CA GLN B 84 -16.47 -18.81 -13.62
C GLN B 84 -16.55 -19.70 -12.37
N ASP B 85 -17.61 -20.49 -12.25
CA ASP B 85 -17.79 -21.35 -11.07
C ASP B 85 -16.63 -22.33 -10.88
N ARG B 86 -16.18 -22.92 -12.01
CA ARG B 86 -15.09 -23.87 -12.04
C ARG B 86 -13.77 -23.26 -11.57
N PHE B 87 -13.47 -22.06 -12.06
CA PHE B 87 -12.27 -21.36 -11.63
C PHE B 87 -12.30 -20.89 -10.17
N PHE B 88 -13.41 -20.29 -9.75
CA PHE B 88 -13.54 -19.89 -8.34
C PHE B 88 -13.44 -21.10 -7.40
N SER B 89 -14.09 -22.20 -7.79
CA SER B 89 -14.00 -23.41 -6.96
C SER B 89 -12.57 -23.97 -6.90
N ALA B 90 -11.88 -23.96 -8.04
CA ALA B 90 -10.50 -24.43 -8.09
C ALA B 90 -9.53 -23.60 -7.24
N LEU B 91 -9.80 -22.29 -7.11
CA LEU B 91 -8.93 -21.39 -6.36
C LEU B 91 -9.34 -21.22 -4.90
N LYS B 92 -10.44 -21.86 -4.47
CA LYS B 92 -10.92 -21.63 -3.12
C LYS B 92 -9.82 -21.92 -2.08
N GLY B 93 -9.47 -20.92 -1.26
CA GLY B 93 -8.48 -21.10 -0.16
C GLY B 93 -7.00 -21.07 -0.54
N VAL B 94 -6.73 -20.87 -1.81
CA VAL B 94 -5.34 -20.86 -2.31
C VAL B 94 -4.73 -19.47 -2.07
N THR B 95 -3.62 -19.44 -1.36
CA THR B 95 -2.99 -18.16 -1.03
C THR B 95 -1.64 -18.01 -1.71
N ASP B 96 -1.00 -19.12 -2.05
CA ASP B 96 0.33 -19.09 -2.68
C ASP B 96 0.16 -18.67 -4.15
N PRO B 97 0.81 -17.58 -4.57
CA PRO B 97 0.66 -17.07 -5.95
C PRO B 97 1.10 -18.05 -7.03
N GLU B 98 2.15 -18.82 -6.75
CA GLU B 98 2.60 -19.85 -7.69
C GLU B 98 1.55 -20.93 -7.87
N GLU B 99 0.91 -21.34 -6.77
CA GLU B 99 -0.19 -22.29 -6.85
C GLU B 99 -1.39 -21.73 -7.60
N LYS B 100 -1.72 -20.45 -7.40
CA LYS B 100 -2.84 -19.84 -8.15
C LYS B 100 -2.58 -19.95 -9.63
N ARG B 101 -1.38 -19.58 -10.04
CA ARG B 101 -1.03 -19.61 -11.45
C ARG B 101 -1.05 -21.02 -12.05
N LYS B 102 -0.49 -21.96 -11.29
CA LYS B 102 -0.47 -23.36 -11.68
C LYS B 102 -1.87 -23.90 -11.85
N ILE B 103 -2.73 -23.68 -10.86
CA ILE B 103 -4.11 -24.17 -10.88
C ILE B 103 -4.93 -23.56 -12.03
N ILE B 104 -4.82 -22.24 -12.21
CA ILE B 104 -5.52 -21.57 -13.32
C ILE B 104 -5.14 -22.15 -14.69
N GLY B 105 -3.85 -22.34 -14.91
CA GLY B 105 -3.31 -23.00 -16.10
C GLY B 105 -3.93 -24.38 -16.28
N ARG B 106 -3.86 -25.21 -15.23
CA ARG B 106 -4.47 -26.57 -15.24
C ARG B 106 -5.95 -26.57 -15.59
N VAL B 107 -6.71 -25.68 -14.94
CA VAL B 107 -8.15 -25.63 -15.11
C VAL B 107 -8.50 -25.13 -16.52
N PHE B 108 -7.73 -24.17 -17.03
CA PHE B 108 -7.94 -23.69 -18.39
C PHE B 108 -7.82 -24.83 -19.40
N ILE B 109 -6.73 -25.58 -19.30
CA ILE B 109 -6.49 -26.74 -20.17
C ILE B 109 -7.67 -27.73 -20.09
N GLU B 110 -8.13 -28.06 -18.88
CA GLU B 110 -9.30 -28.93 -18.71
C GLU B 110 -10.52 -28.44 -19.49
N VAL B 111 -10.93 -27.21 -19.23
CA VAL B 111 -12.08 -26.60 -19.87
C VAL B 111 -11.91 -26.54 -21.39
N PHE B 112 -10.71 -26.15 -21.84
CA PHE B 112 -10.42 -25.98 -23.26
C PHE B 112 -10.36 -27.33 -24.00
N GLU B 113 -9.78 -28.34 -23.35
CA GLU B 113 -9.74 -29.72 -23.88
C GLU B 113 -11.16 -30.28 -24.05
N GLU B 114 -11.99 -29.99 -23.06
CA GLU B 114 -13.40 -30.37 -23.05
C GLU B 114 -14.14 -29.82 -24.28
N VAL B 115 -13.92 -28.54 -24.57
CA VAL B 115 -14.54 -27.90 -25.74
C VAL B 115 -13.97 -28.44 -27.06
N ALA B 116 -12.65 -28.55 -27.15
CA ALA B 116 -11.96 -29.01 -28.35
C ALA B 116 -12.44 -30.38 -28.81
N LYS B 117 -12.72 -31.25 -27.84
CA LYS B 117 -13.18 -32.62 -28.09
C LYS B 117 -14.56 -32.65 -28.76
N LYS B 118 -15.45 -31.77 -28.31
CA LYS B 118 -16.78 -31.63 -28.90
C LYS B 118 -16.75 -31.08 -30.34
N ILE B 119 -15.70 -30.32 -30.67
CA ILE B 119 -15.56 -29.66 -31.96
C ILE B 119 -14.98 -30.61 -33.02
N GLY B 120 -14.06 -31.48 -32.60
CA GLY B 120 -13.37 -32.40 -33.52
C GLY B 120 -12.33 -31.71 -34.38
N ALA B 121 -11.64 -30.73 -33.81
CA ALA B 121 -10.59 -30.01 -34.55
C ALA B 121 -9.34 -30.88 -34.82
N GLU B 122 -8.63 -30.57 -35.90
CA GLU B 122 -7.37 -31.23 -36.19
C GLU B 122 -6.17 -30.33 -35.88
N TYR B 123 -6.39 -29.01 -35.87
CA TYR B 123 -5.32 -28.03 -35.80
C TYR B 123 -5.58 -27.03 -34.69
N LEU B 124 -4.48 -26.55 -34.09
CA LEU B 124 -4.50 -25.52 -33.07
C LEU B 124 -3.74 -24.30 -33.57
N ILE B 125 -4.44 -23.16 -33.68
CA ILE B 125 -3.78 -21.91 -34.01
C ILE B 125 -3.35 -21.26 -32.70
N GLN B 126 -2.10 -20.79 -32.65
CA GLN B 126 -1.61 -20.08 -31.47
C GLN B 126 -0.98 -18.76 -31.87
N GLY B 127 -1.09 -17.76 -30.99
CA GLY B 127 -0.59 -16.43 -31.27
C GLY B 127 0.88 -16.20 -30.87
N THR B 128 1.65 -17.27 -30.83
CA THR B 128 3.10 -17.20 -30.51
C THR B 128 3.81 -16.19 -31.39
N ILE B 129 4.62 -15.33 -30.77
CA ILE B 129 5.39 -14.32 -31.47
C ILE B 129 6.89 -14.53 -31.22
N ALA B 130 7.75 -13.95 -32.06
CA ALA B 130 9.20 -14.01 -31.84
C ALA B 130 9.56 -13.16 -30.60
N PRO B 131 10.35 -13.72 -29.66
CA PRO B 131 11.08 -15.00 -29.55
C PRO B 131 10.50 -16.16 -30.34
N ASN B 154 -3.50 -35.53 -30.69
CA ASN B 154 -3.97 -34.24 -30.17
C ASN B 154 -4.28 -33.28 -31.32
N LEU B 155 -3.55 -32.16 -31.36
CA LEU B 155 -3.78 -31.13 -32.37
C LEU B 155 -2.45 -30.63 -32.92
N LYS B 156 -2.39 -30.47 -34.24
CA LYS B 156 -1.20 -29.94 -34.92
C LYS B 156 -1.16 -28.42 -34.81
N LEU B 157 0.04 -27.88 -34.60
CA LEU B 157 0.21 -26.49 -34.22
C LEU B 157 0.48 -25.60 -35.42
N ILE B 158 -0.23 -24.47 -35.48
CA ILE B 158 -0.01 -23.45 -36.50
C ILE B 158 0.23 -22.13 -35.79
N GLU B 159 1.40 -21.53 -36.05
CA GLU B 159 1.77 -20.29 -35.41
C GLU B 159 2.06 -19.23 -36.47
N PRO B 160 1.00 -18.54 -36.94
CA PRO B 160 1.18 -17.61 -38.05
C PRO B 160 2.02 -16.36 -37.72
N LEU B 161 2.16 -16.05 -36.43
CA LEU B 161 2.85 -14.84 -35.97
C LEU B 161 4.26 -15.11 -35.44
N ARG B 162 4.74 -16.34 -35.64
CA ARG B 162 6.01 -16.83 -35.09
C ARG B 162 7.29 -16.01 -35.42
N ASP B 163 7.27 -15.31 -36.57
CA ASP B 163 8.43 -14.53 -36.99
C ASP B 163 8.33 -13.04 -36.65
N LEU B 164 7.23 -12.65 -35.99
CA LEU B 164 6.93 -11.24 -35.74
C LEU B 164 7.17 -10.81 -34.30
N TYR B 165 7.64 -9.58 -34.12
CA TYR B 165 7.83 -9.00 -32.80
C TYR B 165 6.60 -8.19 -32.43
N LYS B 166 6.51 -7.78 -31.17
CA LYS B 166 5.31 -7.13 -30.63
C LYS B 166 4.83 -5.92 -31.43
N ASP B 167 5.77 -5.10 -31.89
CA ASP B 167 5.45 -3.91 -32.66
C ASP B 167 4.82 -4.29 -33.99
N GLU B 168 5.40 -5.30 -34.65
CA GLU B 168 4.93 -5.78 -35.94
C GLU B 168 3.54 -6.38 -35.84
N VAL B 169 3.30 -7.17 -34.79
CA VAL B 169 1.97 -7.74 -34.55
C VAL B 169 0.93 -6.62 -34.39
N ARG B 170 1.27 -5.59 -33.63
CA ARG B 170 0.37 -4.44 -33.44
C ARG B 170 0.05 -3.76 -34.77
N GLU B 171 1.08 -3.62 -35.62
CA GLU B 171 0.91 -3.04 -36.97
C GLU B 171 -0.03 -3.87 -37.85
N LEU B 172 0.20 -5.19 -37.84
CA LEU B 172 -0.64 -6.13 -38.58
C LEU B 172 -2.10 -6.11 -38.11
N ALA B 173 -2.28 -6.12 -36.80
CA ALA B 173 -3.62 -6.07 -36.21
C ALA B 173 -4.36 -4.85 -36.71
N LYS B 174 -3.66 -3.71 -36.72
CA LYS B 174 -4.18 -2.47 -37.31
C LYS B 174 -4.57 -2.66 -38.78
N PHE B 175 -3.66 -3.23 -39.57
CA PHE B 175 -3.88 -3.48 -41.01
C PHE B 175 -5.09 -4.38 -41.25
N LEU B 176 -5.25 -5.37 -40.38
CA LEU B 176 -6.36 -6.34 -40.47
C LEU B 176 -7.72 -5.81 -39.99
N GLY B 177 -7.74 -4.57 -39.51
CA GLY B 177 -8.98 -3.91 -39.12
C GLY B 177 -9.41 -4.16 -37.68
N LEU B 178 -8.53 -4.76 -36.88
CA LEU B 178 -8.84 -4.95 -35.46
C LEU B 178 -8.96 -3.59 -34.75
N PRO B 179 -9.82 -3.51 -33.72
CA PRO B 179 -10.09 -2.23 -33.06
C PRO B 179 -8.89 -1.70 -32.27
N GLU B 180 -8.81 -0.38 -32.08
CA GLU B 180 -7.67 0.24 -31.37
C GLU B 180 -7.59 -0.30 -29.94
N LYS B 181 -8.74 -0.58 -29.34
CA LYS B 181 -8.82 -1.18 -28.01
C LYS B 181 -7.97 -2.46 -27.90
N ILE B 182 -7.87 -3.21 -29.00
CA ILE B 182 -7.06 -4.41 -29.00
C ILE B 182 -5.62 -4.14 -29.40
N TYR B 183 -5.40 -3.46 -30.52
CA TYR B 183 -4.03 -3.41 -31.02
C TYR B 183 -3.13 -2.54 -30.15
N ASN B 184 -3.73 -1.60 -29.41
CA ASN B 184 -2.95 -0.75 -28.50
C ASN B 184 -2.99 -1.19 -27.05
N ARG B 185 -3.63 -2.33 -26.77
CA ARG B 185 -3.98 -2.67 -25.39
C ARG B 185 -2.75 -2.91 -24.52
N MET B 186 -2.89 -2.58 -23.24
CA MET B 186 -1.87 -2.93 -22.25
C MET B 186 -1.99 -4.43 -21.97
N PRO B 187 -0.86 -5.10 -21.73
CA PRO B 187 -0.93 -6.55 -21.56
C PRO B 187 -1.69 -6.91 -20.29
N PHE B 188 -2.39 -8.05 -20.32
CA PHE B 188 -3.20 -8.47 -19.16
C PHE B 188 -2.90 -9.94 -18.95
N PRO B 189 -2.51 -10.29 -17.71
CA PRO B 189 -2.01 -11.65 -17.43
C PRO B 189 -3.06 -12.76 -17.65
N GLY B 190 -2.59 -13.93 -18.08
CA GLY B 190 -3.44 -15.12 -18.16
C GLY B 190 -4.34 -15.36 -16.94
N PRO B 191 -3.73 -15.39 -15.72
CA PRO B 191 -4.54 -15.53 -14.50
C PRO B 191 -5.44 -14.32 -14.18
N GLY B 192 -5.27 -13.23 -14.92
CA GLY B 192 -6.19 -12.09 -14.83
C GLY B 192 -6.22 -11.50 -13.43
N LEU B 193 -7.41 -11.12 -12.97
CA LEU B 193 -7.57 -10.45 -11.66
C LEU B 193 -7.24 -11.36 -10.47
N ALA B 194 -7.09 -12.67 -10.68
CA ALA B 194 -6.76 -13.57 -9.58
C ALA B 194 -5.40 -13.23 -8.95
N VAL B 195 -4.47 -12.69 -9.74
CA VAL B 195 -3.17 -12.29 -9.21
C VAL B 195 -3.15 -10.83 -8.80
N ARG B 196 -4.34 -10.22 -8.82
CA ARG B 196 -4.48 -8.84 -8.35
C ARG B 196 -5.27 -8.78 -7.05
N VAL B 197 -5.45 -9.96 -6.47
CA VAL B 197 -5.98 -10.11 -5.12
C VAL B 197 -4.95 -10.83 -4.28
N ILE B 198 -4.42 -10.16 -3.26
CA ILE B 198 -3.45 -10.79 -2.37
C ILE B 198 -4.19 -11.77 -1.49
N GLY B 199 -3.76 -13.02 -1.49
CA GLY B 199 -4.38 -14.00 -0.64
C GLY B 199 -5.47 -14.73 -1.40
N GLU B 200 -6.39 -15.36 -0.69
CA GLU B 200 -7.40 -16.23 -1.33
C GLU B 200 -8.39 -15.40 -2.15
N VAL B 201 -8.67 -15.91 -3.33
CA VAL B 201 -9.56 -15.27 -4.25
C VAL B 201 -10.99 -15.69 -3.93
N THR B 202 -11.89 -14.70 -3.90
CA THR B 202 -13.34 -14.95 -3.75
C THR B 202 -14.12 -14.09 -4.76
N PRO B 203 -15.37 -14.47 -5.07
CA PRO B 203 -16.19 -13.61 -5.94
C PRO B 203 -16.24 -12.15 -5.51
N GLU B 204 -16.42 -11.90 -4.20
CA GLU B 204 -16.52 -10.51 -3.74
C GLU B 204 -15.20 -9.75 -3.91
N LYS B 205 -14.08 -10.41 -3.61
CA LYS B 205 -12.79 -9.73 -3.74
C LYS B 205 -12.50 -9.41 -5.20
N ILE B 206 -12.85 -10.32 -6.11
CA ILE B 206 -12.68 -10.07 -7.55
C ILE B 206 -13.59 -8.93 -7.98
N ARG B 207 -14.81 -8.91 -7.44
CA ARG B 207 -15.77 -7.85 -7.79
C ARG B 207 -15.19 -6.46 -7.46
N ILE B 208 -14.67 -6.32 -6.24
CA ILE B 208 -14.07 -5.09 -5.75
C ILE B 208 -12.88 -4.71 -6.60
N VAL B 209 -11.98 -5.65 -6.82
CA VAL B 209 -10.78 -5.28 -7.58
C VAL B 209 -11.12 -4.97 -9.06
N ARG B 210 -12.14 -5.66 -9.59
CA ARG B 210 -12.58 -5.37 -10.96
C ARG B 210 -13.03 -3.90 -11.11
N GLU B 211 -13.84 -3.46 -10.16
CA GLU B 211 -14.36 -2.08 -10.18
C GLU B 211 -13.20 -1.08 -9.99
N ALA B 212 -12.28 -1.41 -9.09
CA ALA B 212 -11.11 -0.54 -8.88
C ALA B 212 -10.23 -0.47 -10.13
N ASN B 213 -10.00 -1.62 -10.75
CA ASN B 213 -9.24 -1.66 -11.98
C ASN B 213 -9.83 -0.75 -13.06
N ALA B 214 -11.15 -0.78 -13.18
CA ALA B 214 -11.85 -0.02 -14.21
C ALA B 214 -11.70 1.47 -13.95
N ILE B 215 -11.74 1.88 -12.69
CA ILE B 215 -11.55 3.28 -12.34
C ILE B 215 -10.12 3.70 -12.72
N VAL B 216 -9.14 2.87 -12.38
CA VAL B 216 -7.74 3.17 -12.76
C VAL B 216 -7.61 3.34 -14.29
N GLU B 217 -8.11 2.37 -15.05
CA GLU B 217 -7.98 2.43 -16.50
C GLU B 217 -8.67 3.67 -17.06
N GLU B 218 -9.88 3.95 -16.58
CA GLU B 218 -10.64 5.14 -16.99
C GLU B 218 -9.89 6.46 -16.74
N GLU B 219 -9.32 6.59 -15.53
CA GLU B 219 -8.64 7.84 -15.19
C GLU B 219 -7.28 7.97 -15.90
N VAL B 220 -6.60 6.85 -16.09
CA VAL B 220 -5.36 6.85 -16.91
C VAL B 220 -5.67 7.31 -18.35
N GLU B 221 -6.76 6.80 -18.93
CA GLU B 221 -7.13 7.18 -20.30
C GLU B 221 -7.53 8.65 -20.35
N ARG B 222 -8.34 9.08 -19.39
CA ARG B 222 -8.81 10.46 -19.31
C ARG B 222 -7.66 11.47 -19.28
N ALA B 223 -6.62 11.13 -18.53
CA ALA B 223 -5.48 12.00 -18.31
C ALA B 223 -4.45 11.88 -19.42
N GLY B 224 -4.74 11.05 -20.41
CA GLY B 224 -3.83 10.91 -21.55
C GLY B 224 -2.52 10.23 -21.20
N LEU B 225 -2.56 9.40 -20.15
CA LEU B 225 -1.36 8.67 -19.76
C LEU B 225 -1.27 7.46 -20.67
N ARG B 226 -0.06 7.12 -21.06
CA ARG B 226 0.15 5.96 -21.92
C ARG B 226 1.19 5.08 -21.27
N PRO B 227 0.79 4.37 -20.18
CA PRO B 227 1.76 3.54 -19.50
C PRO B 227 1.90 2.17 -20.14
N TRP B 228 2.92 1.41 -19.71
CA TRP B 228 3.08 0.00 -20.09
C TRP B 228 1.92 -0.79 -19.48
N GLN B 229 1.70 -0.62 -18.17
CA GLN B 229 0.56 -1.27 -17.50
C GLN B 229 0.02 -0.30 -16.46
N ALA B 230 -1.28 -0.40 -16.19
CA ALA B 230 -1.98 0.41 -15.14
C ALA B 230 -3.11 -0.47 -14.57
N PHE B 231 -3.05 -0.75 -13.27
CA PHE B 231 -4.03 -1.62 -12.68
C PHE B 231 -4.15 -1.41 -11.17
N ALA B 232 -5.13 -2.09 -10.57
CA ALA B 232 -5.38 -2.04 -9.13
C ALA B 232 -5.15 -3.42 -8.55
N VAL B 233 -4.71 -3.43 -7.29
CA VAL B 233 -4.47 -4.65 -6.53
C VAL B 233 -5.19 -4.53 -5.17
N LEU B 234 -5.92 -5.56 -4.78
CA LEU B 234 -6.57 -5.59 -3.47
C LEU B 234 -5.60 -6.19 -2.45
N LEU B 235 -5.13 -5.38 -1.50
CA LEU B 235 -3.97 -5.79 -0.69
C LEU B 235 -4.26 -6.78 0.45
N GLY B 236 -5.49 -6.82 0.91
CA GLY B 236 -5.81 -7.71 2.05
C GLY B 236 -5.74 -7.03 3.41
N VAL B 237 -4.97 -5.94 3.49
CA VAL B 237 -4.79 -5.12 4.69
C VAL B 237 -6.08 -4.37 4.86
N LYS B 238 -6.55 -4.27 6.10
CA LYS B 238 -7.79 -3.53 6.36
C LYS B 238 -7.59 -2.41 7.36
N THR B 239 -8.50 -1.42 7.29
CA THR B 239 -8.35 -0.23 8.06
C THR B 239 -9.77 0.28 8.37
N VAL B 240 -9.96 0.93 9.53
CA VAL B 240 -11.23 1.64 9.78
C VAL B 240 -11.09 3.09 9.36
N GLY B 241 -12.20 3.72 9.00
CA GLY B 241 -12.15 5.12 8.60
C GLY B 241 -12.80 6.04 9.62
N VAL B 242 -13.13 7.25 9.20
CA VAL B 242 -13.58 8.28 10.13
C VAL B 242 -15.04 8.71 9.87
N GLN B 243 -15.74 7.94 9.04
CA GLN B 243 -17.14 8.25 8.71
C GLN B 243 -17.99 6.98 8.88
N GLY B 244 -19.22 7.17 9.33
CA GLY B 244 -20.20 6.08 9.39
C GLY B 244 -19.81 5.09 10.46
N ASP B 245 -19.81 3.80 10.11
CA ASP B 245 -19.44 2.77 11.06
C ASP B 245 -17.94 2.78 11.17
N ILE B 246 -17.46 3.48 12.17
CA ILE B 246 -16.00 3.65 12.39
C ILE B 246 -15.32 2.44 13.04
N ARG B 247 -16.08 1.39 13.25
CA ARG B 247 -15.52 0.10 13.64
C ARG B 247 -15.49 -0.94 12.52
N ALA B 248 -16.05 -0.61 11.37
CA ALA B 248 -16.09 -1.49 10.21
C ALA B 248 -14.76 -1.48 9.46
N TYR B 249 -14.09 -2.61 9.36
CA TYR B 249 -12.84 -2.67 8.59
C TYR B 249 -13.09 -2.73 7.08
N LYS B 250 -12.43 -1.82 6.37
CA LYS B 250 -12.54 -1.71 4.92
C LYS B 250 -11.25 -2.13 4.23
N GLU B 251 -11.36 -2.39 2.92
CA GLU B 251 -10.27 -2.92 2.14
C GLU B 251 -9.30 -1.81 1.74
N THR B 252 -8.14 -2.23 1.25
CA THR B 252 -7.12 -1.29 0.80
C THR B 252 -6.75 -1.68 -0.63
N ILE B 253 -6.72 -0.68 -1.49
CA ILE B 253 -6.28 -0.87 -2.90
C ILE B 253 -4.94 -0.22 -3.14
N ALA B 254 -4.04 -0.94 -3.85
CA ALA B 254 -2.83 -0.33 -4.38
C ALA B 254 -3.04 -0.09 -5.90
N VAL B 255 -2.55 1.04 -6.37
CA VAL B 255 -2.59 1.41 -7.76
C VAL B 255 -1.17 1.25 -8.27
N ARG B 256 -1.07 0.50 -9.37
CA ARG B 256 0.22 0.17 -9.97
C ARG B 256 0.21 0.71 -11.40
N ILE B 257 1.11 1.64 -11.69
CA ILE B 257 1.20 2.28 -13.02
C ILE B 257 2.67 2.40 -13.35
N VAL B 258 3.08 1.78 -14.45
CA VAL B 258 4.51 1.73 -14.79
C VAL B 258 4.75 2.10 -16.25
N GLU B 259 5.94 2.65 -16.51
CA GLU B 259 6.44 2.83 -17.88
C GLU B 259 7.57 1.87 -18.13
N SER B 260 7.65 1.36 -19.37
CA SER B 260 8.62 0.34 -19.72
C SER B 260 8.62 0.14 -21.23
N ILE B 261 9.74 -0.33 -21.74
CA ILE B 261 9.84 -0.69 -23.14
C ILE B 261 9.40 -2.14 -23.37
N ASP B 262 9.75 -3.01 -22.42
CA ASP B 262 9.67 -4.46 -22.63
C ASP B 262 9.09 -5.25 -21.46
N GLY B 263 8.97 -4.59 -20.30
CA GLY B 263 8.57 -5.28 -19.07
C GLY B 263 9.74 -5.80 -18.26
N MET B 264 10.94 -5.73 -18.86
CA MET B 264 12.18 -6.18 -18.23
C MET B 264 12.68 -5.21 -17.16
N THR B 265 12.81 -3.93 -17.51
CA THR B 265 12.97 -2.89 -16.51
C THR B 265 11.83 -1.91 -16.67
N ALA B 266 11.39 -1.33 -15.56
CA ALA B 266 10.25 -0.45 -15.57
C ALA B 266 10.40 0.57 -14.46
N ASN B 267 9.78 1.73 -14.64
CA ASN B 267 9.73 2.71 -13.54
C ASN B 267 8.27 2.98 -13.14
N ALA B 268 8.04 3.17 -11.84
CA ALA B 268 6.78 3.73 -11.37
C ALA B 268 6.56 5.06 -12.12
N MET B 269 5.36 5.24 -12.65
CA MET B 269 5.09 6.47 -13.40
C MET B 269 4.90 7.70 -12.50
N ASN B 270 5.50 8.83 -12.87
CA ASN B 270 5.24 10.09 -12.18
C ASN B 270 3.90 10.65 -12.66
N VAL B 271 2.83 10.17 -12.04
CA VAL B 271 1.46 10.48 -12.42
C VAL B 271 1.12 11.84 -11.82
N PRO B 272 0.53 12.75 -12.61
CA PRO B 272 0.16 14.04 -12.05
C PRO B 272 -0.72 13.88 -10.79
N TRP B 273 -0.43 14.70 -9.78
CA TRP B 273 -1.09 14.60 -8.47
C TRP B 273 -2.61 14.60 -8.57
N GLU B 274 -3.17 15.50 -9.39
CA GLU B 274 -4.64 15.56 -9.51
C GLU B 274 -5.23 14.25 -10.05
N VAL B 275 -4.45 13.54 -10.86
CA VAL B 275 -4.90 12.27 -11.41
C VAL B 275 -4.97 11.20 -10.31
N LEU B 276 -3.94 11.16 -9.48
CA LEU B 276 -3.93 10.23 -8.33
C LEU B 276 -5.07 10.59 -7.38
N GLN B 277 -5.29 11.88 -7.17
CA GLN B 277 -6.37 12.31 -6.27
C GLN B 277 -7.72 11.85 -6.81
N ARG B 278 -7.91 11.97 -8.14
CA ARG B 278 -9.17 11.54 -8.76
C ARG B 278 -9.35 10.05 -8.57
N ILE B 279 -8.28 9.30 -8.81
CA ILE B 279 -8.32 7.86 -8.62
C ILE B 279 -8.70 7.49 -7.17
N ALA B 280 -8.06 8.12 -6.19
CA ALA B 280 -8.30 7.80 -4.76
C ALA B 280 -9.75 8.16 -4.39
N PHE B 281 -10.19 9.33 -4.86
CA PHE B 281 -11.55 9.79 -4.59
C PHE B 281 -12.60 8.88 -5.17
N ARG B 282 -12.46 8.54 -6.46
CA ARG B 282 -13.39 7.65 -7.12
C ARG B 282 -13.46 6.25 -6.50
N ILE B 283 -12.31 5.66 -6.20
CA ILE B 283 -12.33 4.33 -5.58
C ILE B 283 -13.06 4.34 -4.25
N THR B 284 -12.70 5.27 -3.37
CA THR B 284 -13.36 5.28 -2.07
C THR B 284 -14.84 5.72 -2.16
N SER B 285 -15.17 6.60 -3.10
CA SER B 285 -16.54 7.09 -3.25
C SER B 285 -17.47 6.07 -3.91
N GLU B 286 -16.96 5.41 -4.94
CA GLU B 286 -17.75 4.50 -5.75
C GLU B 286 -17.70 3.02 -5.32
N ILE B 287 -16.69 2.65 -4.52
CA ILE B 287 -16.55 1.30 -4.00
C ILE B 287 -16.51 1.39 -2.48
N PRO B 288 -17.68 1.37 -1.84
CA PRO B 288 -17.73 1.65 -0.40
C PRO B 288 -17.00 0.61 0.47
N GLU B 289 -16.71 -0.56 -0.09
CA GLU B 289 -15.92 -1.61 0.58
C GLU B 289 -14.42 -1.24 0.75
N VAL B 290 -13.97 -0.22 0.03
CA VAL B 290 -12.55 0.20 0.06
C VAL B 290 -12.39 1.49 0.86
N GLY B 291 -11.48 1.45 1.83
CA GLY B 291 -11.28 2.58 2.73
C GLY B 291 -9.98 3.32 2.54
N ARG B 292 -9.06 2.76 1.75
CA ARG B 292 -7.72 3.33 1.61
C ARG B 292 -7.14 2.98 0.24
N VAL B 293 -6.50 3.96 -0.37
CA VAL B 293 -5.86 3.81 -1.69
C VAL B 293 -4.39 4.25 -1.58
N LEU B 294 -3.49 3.39 -2.08
CA LEU B 294 -2.03 3.62 -2.04
C LEU B 294 -1.49 3.54 -3.48
N TYR B 295 -0.41 4.27 -3.76
CA TYR B 295 0.16 4.29 -5.10
C TYR B 295 1.57 3.73 -5.01
N ASP B 296 1.87 2.73 -5.85
CA ASP B 296 3.17 2.08 -5.86
C ASP B 296 4.21 3.04 -6.47
N ILE B 297 5.23 3.36 -5.68
CA ILE B 297 6.31 4.22 -6.13
C ILE B 297 7.63 3.46 -6.36
N THR B 298 7.53 2.15 -6.56
CA THR B 298 8.72 1.31 -6.64
C THR B 298 9.01 0.94 -8.07
N ASN B 299 10.28 1.10 -8.46
CA ASN B 299 10.68 0.71 -9.79
C ASN B 299 10.98 -0.80 -9.89
N LYS B 300 11.15 -1.27 -11.12
CA LYS B 300 11.68 -2.63 -11.42
C LYS B 300 13.02 -2.51 -12.16
N PRO B 301 14.12 -2.93 -11.53
CA PRO B 301 14.22 -3.44 -10.15
C PRO B 301 14.01 -2.30 -9.16
N PRO B 302 13.77 -2.59 -7.87
CA PRO B 302 13.80 -3.88 -7.20
C PRO B 302 12.51 -4.69 -7.20
N ALA B 303 11.41 -4.08 -7.62
CA ALA B 303 10.11 -4.75 -7.47
C ALA B 303 9.61 -5.36 -8.76
N THR B 304 8.78 -6.41 -8.65
CA THR B 304 8.04 -6.88 -9.79
C THR B 304 6.96 -5.85 -10.18
N ILE B 305 6.46 -5.95 -11.41
CA ILE B 305 5.37 -5.06 -11.85
C ILE B 305 4.07 -5.53 -11.15
N GLU B 306 3.68 -6.78 -11.41
CA GLU B 306 2.58 -7.41 -10.67
C GLU B 306 2.98 -7.58 -9.20
N PHE B 307 1.98 -7.72 -8.32
CA PHE B 307 2.25 -7.89 -6.90
C PHE B 307 2.41 -9.36 -6.58
N GLU B 308 1.81 -10.19 -7.44
CA GLU B 308 1.81 -11.68 -7.28
C GLU B 308 2.13 -12.35 -8.58
#